data_2YIK
#
_entry.id   2YIK
#
_cell.length_a   96.860
_cell.length_b   96.860
_cell.length_c   159.920
_cell.angle_alpha   90.00
_cell.angle_beta   90.00
_cell.angle_gamma   90.00
#
_symmetry.space_group_name_H-M   'P 43 21 2'
#
loop_
_entity.id
_entity.type
_entity.pdbx_description
1 polymer ENDOGLUCANASE
2 non-polymer 'CALCIUM ION'
3 non-polymer 'ZINC ION'
4 water water
#
_entity_poly.entity_id   1
_entity_poly.type   'polypeptide(L)'
_entity_poly.pdbx_seq_one_letter_code
;MRKNLFAKRAVAFLLGIVITAAGIVSFNTVSTSAAGEYNYAKALQYSMFFYDANMCGTGVDENSLLSWRGDCHVYDARLP
LDSQNTNMSDGFISSNRSVLDPDGDGKVDVSGGFHDAGDHVKFGLPEAYAASTVGWGYYEFKDQFRATGQAVHAEVILRY
FNDYFMRCTFRDASGNVVAFCHQVGDGDIDHAFWGAPENDTMFRRGWFITKEKPGTDIISATAASLAINYMNFKDTDPQY
AAKSLDYAKALFDFAEKNPKGVVQGEDGPKGYYGSSKWQDDYCWAAAWLYLATQNEHYLDEAFKYYDYYAPPGWIHCWND
VWSGTACILAEINDLYDKDSQNFEDRYKRASNKNQWEQIDFWKPIQDLLDKWSGGGITVTPGGYVFLNQWGSARYNTAAQ
LIALVYDKHHGDTPSKYANWARSQMDYLLGKNPLNRCYVVGYSSNSVKYPHHRAASGLKDANDSSPHKYVLYGALVGGPD
ASDQHVDRTNDYIYNEVAIDYNAAFVGACAGLYRFFGDSSMQIDPSMPSHNVPVPPTPTPPDTQIVYGDLNGDQKVTSTD
YTMLKRYLMKSIDRFNTSEQAADLNRDGKINSTDLTILKRYLLYSIPSLPI
;
_entity_poly.pdbx_strand_id   A
#
loop_
_chem_comp.id
_chem_comp.type
_chem_comp.name
_chem_comp.formula
CA non-polymer 'CALCIUM ION' 'Ca 2'
ZN non-polymer 'ZINC ION' 'Zn 2'
#
# COMPACT_ATOMS: atom_id res chain seq x y z
N TYR A 38 20.46 13.90 6.40
CA TYR A 38 19.26 13.19 6.96
C TYR A 38 18.15 14.19 7.17
N ASN A 39 17.64 14.66 6.03
CA ASN A 39 16.57 15.65 5.91
C ASN A 39 15.28 14.89 5.64
N TYR A 40 14.43 14.77 6.66
CA TYR A 40 13.18 14.04 6.52
C TYR A 40 12.11 14.74 5.73
N ALA A 41 12.17 16.07 5.64
CA ALA A 41 11.20 16.82 4.86
C ALA A 41 11.43 16.51 3.39
N LYS A 42 12.70 16.51 3.00
CA LYS A 42 13.06 16.22 1.62
C LYS A 42 12.80 14.74 1.32
N ALA A 43 13.01 13.88 2.32
CA ALA A 43 12.79 12.45 2.13
C ALA A 43 11.31 12.20 1.84
N LEU A 44 10.45 12.90 2.58
CA LEU A 44 9.00 12.78 2.40
C LEU A 44 8.66 13.23 0.97
N GLN A 45 9.16 14.42 0.62
CA GLN A 45 8.91 14.96 -0.71
C GLN A 45 9.29 13.97 -1.79
N TYR A 46 10.53 13.52 -1.75
CA TYR A 46 11.02 12.55 -2.73
C TYR A 46 10.28 11.23 -2.74
N SER A 47 9.96 10.70 -1.57
CA SER A 47 9.28 9.39 -1.47
C SER A 47 8.07 9.18 -2.37
N MET A 48 7.24 10.21 -2.55
CA MET A 48 6.05 10.06 -3.37
C MET A 48 6.27 10.00 -4.87
N PHE A 49 7.41 10.51 -5.33
CA PHE A 49 7.69 10.51 -6.76
C PHE A 49 7.78 9.13 -7.38
N PHE A 50 7.96 8.10 -6.56
CA PHE A 50 8.01 6.75 -7.11
C PHE A 50 6.64 6.44 -7.67
N TYR A 51 5.61 6.94 -7.02
CA TYR A 51 4.26 6.69 -7.47
C TYR A 51 4.01 7.36 -8.81
N ASP A 52 4.54 8.55 -9.01
CA ASP A 52 4.37 9.23 -10.28
C ASP A 52 5.01 8.40 -11.40
N ALA A 53 6.10 7.72 -11.07
CA ALA A 53 6.81 6.90 -12.04
C ALA A 53 6.06 5.63 -12.42
N ASN A 54 5.12 5.22 -11.57
CA ASN A 54 4.34 4.02 -11.83
C ASN A 54 2.89 4.24 -12.23
N MET A 55 2.48 5.49 -12.40
CA MET A 55 1.10 5.76 -12.81
C MET A 55 0.83 5.08 -14.16
N CYS A 56 -0.37 4.53 -14.28
CA CYS A 56 -0.77 3.78 -15.47
C CYS A 56 -2.10 4.29 -16.06
N GLY A 57 -2.29 4.04 -17.35
CA GLY A 57 -3.54 4.44 -17.98
C GLY A 57 -3.59 5.72 -18.79
N THR A 58 -4.82 6.22 -18.97
CA THR A 58 -5.09 7.43 -19.74
C THR A 58 -4.92 8.72 -18.93
N GLY A 59 -4.63 8.60 -17.64
CA GLY A 59 -4.48 9.81 -16.85
C GLY A 59 -3.08 10.13 -16.40
N VAL A 60 -2.06 9.50 -16.97
CA VAL A 60 -0.73 9.81 -16.47
C VAL A 60 -0.11 11.16 -16.86
N ASP A 61 -0.30 11.70 -18.06
CA ASP A 61 0.32 13.01 -18.28
C ASP A 61 -0.42 14.07 -17.49
N GLU A 62 -1.65 13.76 -17.08
CA GLU A 62 -2.45 14.71 -16.31
C GLU A 62 -2.15 14.61 -14.81
N ASN A 63 -1.71 13.45 -14.35
CA ASN A 63 -1.45 13.25 -12.93
C ASN A 63 0.00 13.09 -12.46
N SER A 64 0.88 12.62 -13.34
CA SER A 64 2.28 12.42 -12.97
C SER A 64 3.13 13.69 -13.13
N LEU A 65 4.03 13.94 -12.18
CA LEU A 65 4.89 15.11 -12.23
C LEU A 65 6.17 14.83 -12.98
N LEU A 66 6.34 13.60 -13.46
CA LEU A 66 7.54 13.23 -14.20
C LEU A 66 7.32 13.36 -15.70
N SER A 67 8.07 14.27 -16.32
CA SER A 67 7.93 14.53 -17.75
C SER A 67 8.21 13.31 -18.61
N TRP A 68 9.00 12.37 -18.11
CA TRP A 68 9.30 11.18 -18.89
C TRP A 68 8.25 10.07 -18.80
N ARG A 69 7.13 10.37 -18.16
CA ARG A 69 6.03 9.39 -18.07
C ARG A 69 4.81 9.94 -18.82
N GLY A 70 4.24 9.13 -19.71
CA GLY A 70 3.06 9.54 -20.45
C GLY A 70 2.02 8.43 -20.34
N ASP A 71 0.84 8.63 -20.93
CA ASP A 71 -0.21 7.62 -20.89
C ASP A 71 0.31 6.28 -21.36
N CYS A 72 -0.13 5.20 -20.71
CA CYS A 72 0.31 3.86 -21.08
C CYS A 72 -0.80 2.84 -20.94
N HIS A 73 -0.63 1.71 -21.63
CA HIS A 73 -1.60 0.62 -21.61
C HIS A 73 -3.01 1.20 -21.70
N VAL A 74 -3.18 2.19 -22.56
CA VAL A 74 -4.48 2.82 -22.71
C VAL A 74 -5.55 1.85 -23.21
N TYR A 75 -5.13 0.72 -23.77
CA TYR A 75 -6.12 -0.24 -24.24
C TYR A 75 -6.83 -0.90 -23.05
N ASP A 76 -6.31 -0.68 -21.84
CA ASP A 76 -6.91 -1.20 -20.60
C ASP A 76 -8.29 -0.55 -20.49
N ALA A 77 -8.40 0.66 -21.03
CA ALA A 77 -9.65 1.42 -20.96
C ALA A 77 -10.73 0.88 -21.90
N ARG A 78 -10.36 -0.07 -22.75
CA ARG A 78 -11.30 -0.68 -23.68
C ARG A 78 -11.12 -2.18 -23.68
N LEU A 79 -11.05 -2.78 -22.49
CA LEU A 79 -10.90 -4.22 -22.37
C LEU A 79 -12.15 -4.92 -22.90
N PRO A 80 -11.99 -5.88 -23.84
CA PRO A 80 -13.16 -6.58 -24.37
C PRO A 80 -13.83 -7.43 -23.31
N LEU A 81 -15.15 -7.34 -23.24
CA LEU A 81 -15.91 -8.09 -22.26
C LEU A 81 -16.24 -9.50 -22.76
N ASP A 82 -15.35 -10.45 -22.51
CA ASP A 82 -15.56 -11.84 -22.89
C ASP A 82 -14.76 -12.75 -21.97
N SER A 83 -14.96 -14.06 -22.10
CA SER A 83 -14.28 -15.03 -21.23
C SER A 83 -12.80 -15.29 -21.51
N GLN A 84 -12.22 -14.54 -22.45
CA GLN A 84 -10.80 -14.72 -22.73
C GLN A 84 -10.06 -13.46 -22.32
N ASN A 85 -10.62 -12.29 -22.62
CA ASN A 85 -9.96 -11.05 -22.23
C ASN A 85 -10.18 -10.76 -20.75
N THR A 86 -11.15 -11.45 -20.14
CA THR A 86 -11.38 -11.32 -18.71
C THR A 86 -11.44 -12.77 -18.23
N ASN A 87 -11.53 -12.99 -16.93
CA ASN A 87 -11.60 -14.35 -16.43
C ASN A 87 -12.97 -14.67 -15.85
N MET A 88 -13.98 -13.91 -16.30
CA MET A 88 -15.36 -14.17 -15.86
C MET A 88 -15.89 -15.18 -16.87
N SER A 89 -16.80 -16.05 -16.43
CA SER A 89 -17.39 -17.07 -17.29
C SER A 89 -18.37 -16.48 -18.30
N ASP A 90 -18.66 -17.24 -19.36
CA ASP A 90 -19.61 -16.80 -20.39
C ASP A 90 -20.97 -16.56 -19.74
N GLY A 91 -21.35 -17.48 -18.85
CA GLY A 91 -22.63 -17.38 -18.17
C GLY A 91 -22.75 -16.16 -17.26
N PHE A 92 -21.68 -15.86 -16.53
CA PHE A 92 -21.69 -14.71 -15.64
C PHE A 92 -21.83 -13.43 -16.46
N ILE A 93 -21.03 -13.30 -17.51
CA ILE A 93 -21.09 -12.13 -18.37
C ILE A 93 -22.49 -12.00 -19.00
N SER A 94 -23.03 -13.13 -19.44
CA SER A 94 -24.34 -13.17 -20.08
C SER A 94 -25.44 -12.62 -19.16
N SER A 95 -25.44 -13.06 -17.90
CA SER A 95 -26.44 -12.62 -16.93
C SER A 95 -26.24 -11.21 -16.37
N ASN A 96 -25.00 -10.72 -16.41
CA ASN A 96 -24.69 -9.41 -15.84
C ASN A 96 -24.23 -8.31 -16.79
N ARG A 97 -24.41 -8.53 -18.08
CA ARG A 97 -23.98 -7.57 -19.09
C ARG A 97 -24.45 -6.12 -18.88
N SER A 98 -25.71 -5.93 -18.49
CA SER A 98 -26.22 -4.58 -18.31
C SER A 98 -25.57 -3.80 -17.18
N VAL A 99 -24.91 -4.49 -16.25
CA VAL A 99 -24.23 -3.82 -15.15
C VAL A 99 -22.74 -3.71 -15.49
N LEU A 100 -22.18 -4.74 -16.11
CA LEU A 100 -20.78 -4.72 -16.48
C LEU A 100 -20.51 -3.80 -17.66
N ASP A 101 -21.49 -3.65 -18.55
CA ASP A 101 -21.36 -2.86 -19.76
C ASP A 101 -22.67 -2.13 -20.10
N PRO A 102 -23.11 -1.18 -19.23
CA PRO A 102 -24.36 -0.43 -19.46
C PRO A 102 -24.52 0.16 -20.85
N ASP A 103 -23.43 0.71 -21.40
CA ASP A 103 -23.51 1.34 -22.72
C ASP A 103 -23.51 0.34 -23.87
N GLY A 104 -23.27 -0.93 -23.57
CA GLY A 104 -23.29 -1.96 -24.59
C GLY A 104 -22.25 -1.95 -25.71
N ASP A 105 -21.13 -1.25 -25.53
CA ASP A 105 -20.13 -1.24 -26.60
C ASP A 105 -19.21 -2.47 -26.51
N GLY A 106 -19.51 -3.38 -25.60
CA GLY A 106 -18.73 -4.59 -25.43
C GLY A 106 -17.34 -4.45 -24.83
N LYS A 107 -17.06 -3.31 -24.20
CA LYS A 107 -15.77 -3.08 -23.60
C LYS A 107 -15.90 -2.48 -22.21
N VAL A 108 -14.93 -2.71 -21.34
CA VAL A 108 -14.98 -2.11 -20.01
C VAL A 108 -13.69 -1.37 -19.78
N ASP A 109 -13.73 -0.37 -18.89
CA ASP A 109 -12.57 0.44 -18.58
C ASP A 109 -11.92 0.04 -17.24
N VAL A 110 -10.80 -0.64 -17.29
CA VAL A 110 -10.08 -1.03 -16.08
C VAL A 110 -8.71 -0.38 -16.09
N SER A 111 -8.64 0.82 -16.67
CA SER A 111 -7.41 1.58 -16.77
C SER A 111 -7.20 2.42 -15.52
N GLY A 112 -5.97 2.89 -15.35
CA GLY A 112 -5.64 3.71 -14.20
C GLY A 112 -4.82 3.00 -13.15
N GLY A 113 -4.67 3.63 -11.99
CA GLY A 113 -3.89 2.99 -10.95
C GLY A 113 -2.39 3.03 -11.20
N PHE A 114 -1.68 2.08 -10.59
CA PHE A 114 -0.23 2.05 -10.68
C PHE A 114 0.35 0.69 -11.05
N HIS A 115 1.48 0.70 -11.78
CA HIS A 115 2.18 -0.52 -12.14
C HIS A 115 2.65 -1.02 -10.79
N ASP A 116 2.86 -2.30 -10.66
CA ASP A 116 3.21 -2.81 -9.35
C ASP A 116 4.60 -2.59 -8.84
N ALA A 117 5.60 -2.88 -9.65
CA ALA A 117 6.94 -2.81 -9.17
C ALA A 117 7.86 -2.16 -10.22
N GLY A 118 8.75 -2.92 -10.90
CA GLY A 118 9.62 -2.33 -11.91
C GLY A 118 8.99 -2.81 -13.22
N ASP A 119 7.97 -3.68 -13.06
CA ASP A 119 7.15 -4.34 -14.13
C ASP A 119 5.91 -3.46 -14.41
N HIS A 120 4.94 -3.93 -15.19
CA HIS A 120 3.76 -3.10 -15.52
C HIS A 120 2.41 -3.74 -15.15
N VAL A 121 2.46 -4.92 -14.54
CA VAL A 121 1.22 -5.54 -14.13
C VAL A 121 0.64 -4.77 -12.95
N LYS A 122 -0.67 -4.85 -12.78
CA LYS A 122 -1.34 -4.21 -11.65
C LYS A 122 -1.95 -5.35 -10.84
N PHE A 123 -1.30 -5.70 -9.72
CA PHE A 123 -1.76 -6.77 -8.84
C PHE A 123 -2.60 -6.15 -7.73
N GLY A 124 -3.79 -6.70 -7.52
CA GLY A 124 -4.71 -6.17 -6.53
C GLY A 124 -4.34 -6.13 -5.06
N LEU A 125 -3.76 -7.20 -4.54
CA LEU A 125 -3.40 -7.23 -3.13
C LEU A 125 -2.38 -6.14 -2.79
N PRO A 126 -1.23 -6.09 -3.48
CA PRO A 126 -0.31 -5.02 -3.09
C PRO A 126 -0.78 -3.61 -3.55
N GLU A 127 -1.60 -3.55 -4.60
CA GLU A 127 -2.10 -2.25 -5.06
C GLU A 127 -2.92 -1.64 -3.91
N ALA A 128 -3.81 -2.44 -3.33
CA ALA A 128 -4.65 -1.98 -2.22
C ALA A 128 -3.80 -1.72 -0.97
N TYR A 129 -2.77 -2.55 -0.76
CA TYR A 129 -1.91 -2.36 0.41
C TYR A 129 -1.19 -1.01 0.34
N ALA A 130 -0.68 -0.67 -0.84
CA ALA A 130 0.03 0.59 -1.00
C ALA A 130 -0.91 1.76 -0.80
N ALA A 131 -2.07 1.67 -1.43
CA ALA A 131 -3.09 2.71 -1.33
C ALA A 131 -3.55 2.95 0.10
N SER A 132 -3.79 1.87 0.85
CA SER A 132 -4.25 2.03 2.21
C SER A 132 -3.10 2.44 3.15
N THR A 133 -1.91 1.92 2.91
CA THR A 133 -0.79 2.26 3.78
C THR A 133 -0.33 3.70 3.58
N VAL A 134 -0.31 4.18 2.34
CA VAL A 134 0.06 5.57 2.11
C VAL A 134 -1.06 6.43 2.71
N GLY A 135 -2.31 5.97 2.55
CA GLY A 135 -3.45 6.70 3.10
C GLY A 135 -3.41 6.75 4.63
N TRP A 136 -2.96 5.63 5.21
CA TRP A 136 -2.79 5.40 6.65
C TRP A 136 -1.78 6.45 7.15
N GLY A 137 -0.68 6.59 6.44
CA GLY A 137 0.33 7.57 6.83
C GLY A 137 -0.16 9.02 6.71
N TYR A 138 -0.86 9.32 5.62
CA TYR A 138 -1.39 10.66 5.39
C TYR A 138 -2.42 10.99 6.46
N TYR A 139 -3.23 10.02 6.83
CA TYR A 139 -4.24 10.21 7.87
C TYR A 139 -3.59 10.52 9.22
N GLU A 140 -2.53 9.79 9.56
CA GLU A 140 -1.84 9.99 10.83
C GLU A 140 -1.02 11.27 10.89
N PHE A 141 -0.26 11.54 9.84
CA PHE A 141 0.63 12.70 9.83
C PHE A 141 0.29 13.82 8.84
N LYS A 142 -1.00 14.08 8.63
CA LYS A 142 -1.42 15.13 7.69
C LYS A 142 -0.75 16.48 8.01
N ASP A 143 -0.58 16.80 9.29
CA ASP A 143 0.05 18.07 9.67
C ASP A 143 1.42 18.25 9.03
N GLN A 144 2.21 17.18 9.00
CA GLN A 144 3.53 17.22 8.42
C GLN A 144 3.54 17.33 6.90
N PHE A 145 2.58 16.68 6.25
CA PHE A 145 2.49 16.78 4.79
C PHE A 145 2.18 18.25 4.46
N ARG A 146 1.29 18.85 5.25
CA ARG A 146 0.90 20.23 5.04
C ARG A 146 2.05 21.18 5.33
N ALA A 147 2.68 21.00 6.48
CA ALA A 147 3.79 21.85 6.88
C ALA A 147 4.91 21.84 5.83
N THR A 148 5.04 20.73 5.10
CA THR A 148 6.09 20.64 4.08
C THR A 148 5.60 20.88 2.67
N GLY A 149 4.33 21.25 2.52
CA GLY A 149 3.78 21.51 1.21
C GLY A 149 3.66 20.27 0.34
N GLN A 150 3.57 19.10 0.98
CA GLN A 150 3.47 17.85 0.23
C GLN A 150 2.09 17.17 0.27
N ALA A 151 1.11 17.84 0.87
CA ALA A 151 -0.22 17.26 0.99
C ALA A 151 -0.92 17.12 -0.37
N VAL A 152 -0.76 18.13 -1.22
CA VAL A 152 -1.39 18.07 -2.53
C VAL A 152 -0.88 16.87 -3.32
N HIS A 153 0.42 16.63 -3.28
CA HIS A 153 1.03 15.50 -3.99
C HIS A 153 0.42 14.19 -3.48
N ALA A 154 0.30 14.07 -2.15
CA ALA A 154 -0.27 12.87 -1.54
C ALA A 154 -1.71 12.64 -1.99
N GLU A 155 -2.51 13.70 -2.00
CA GLU A 155 -3.90 13.57 -2.41
C GLU A 155 -4.04 13.17 -3.88
N VAL A 156 -3.13 13.64 -4.74
CA VAL A 156 -3.20 13.28 -6.15
C VAL A 156 -2.93 11.78 -6.32
N ILE A 157 -1.96 11.28 -5.56
CA ILE A 157 -1.62 9.85 -5.61
C ILE A 157 -2.76 9.02 -5.03
N LEU A 158 -3.30 9.43 -3.88
CA LEU A 158 -4.39 8.68 -3.27
C LEU A 158 -5.66 8.67 -4.10
N ARG A 159 -5.93 9.77 -4.82
CA ARG A 159 -7.10 9.83 -5.69
C ARG A 159 -6.90 8.89 -6.87
N TYR A 160 -5.66 8.85 -7.39
CA TYR A 160 -5.38 7.99 -8.52
C TYR A 160 -5.54 6.51 -8.15
N PHE A 161 -5.15 6.14 -6.92
CA PHE A 161 -5.30 4.75 -6.46
C PHE A 161 -6.77 4.40 -6.32
N ASN A 162 -7.47 5.18 -5.49
CA ASN A 162 -8.87 4.94 -5.21
C ASN A 162 -9.86 5.14 -6.36
N ASP A 163 -9.57 6.05 -7.29
CA ASP A 163 -10.49 6.24 -8.40
C ASP A 163 -10.40 4.99 -9.28
N TYR A 164 -9.23 4.36 -9.28
CA TYR A 164 -8.99 3.15 -10.05
C TYR A 164 -9.84 2.04 -9.42
N PHE A 165 -9.78 1.91 -8.10
CA PHE A 165 -10.55 0.89 -7.41
C PHE A 165 -12.05 1.07 -7.70
N MET A 166 -12.53 2.31 -7.59
CA MET A 166 -13.94 2.58 -7.84
C MET A 166 -14.39 2.25 -9.26
N ARG A 167 -13.60 2.63 -10.26
CA ARG A 167 -13.93 2.33 -11.65
C ARG A 167 -13.96 0.81 -11.86
N CYS A 168 -13.15 0.10 -11.10
CA CYS A 168 -13.06 -1.36 -11.22
C CYS A 168 -14.13 -2.11 -10.41
N THR A 169 -14.92 -1.36 -9.66
CA THR A 169 -15.98 -1.97 -8.86
C THR A 169 -17.27 -1.77 -9.64
N PHE A 170 -17.76 -2.86 -10.23
CA PHE A 170 -18.99 -2.85 -11.01
C PHE A 170 -20.17 -3.19 -10.09
N ARG A 171 -21.01 -2.18 -9.84
CA ARG A 171 -22.15 -2.33 -8.95
C ARG A 171 -23.49 -2.11 -9.67
N ASP A 172 -24.55 -2.73 -9.17
CA ASP A 172 -25.85 -2.51 -9.78
C ASP A 172 -26.33 -1.16 -9.21
N ALA A 173 -27.45 -0.65 -9.72
CA ALA A 173 -27.95 0.65 -9.29
C ALA A 173 -28.25 0.78 -7.81
N SER A 174 -28.45 -0.34 -7.14
CA SER A 174 -28.72 -0.33 -5.71
C SER A 174 -27.43 -0.29 -4.87
N GLY A 175 -26.29 -0.36 -5.55
CA GLY A 175 -25.02 -0.33 -4.85
C GLY A 175 -24.35 -1.67 -4.62
N ASN A 176 -25.05 -2.77 -4.89
CA ASN A 176 -24.47 -4.10 -4.69
C ASN A 176 -23.35 -4.37 -5.67
N VAL A 177 -22.23 -4.88 -5.15
CA VAL A 177 -21.08 -5.20 -5.99
C VAL A 177 -21.36 -6.48 -6.78
N VAL A 178 -21.17 -6.40 -8.09
CA VAL A 178 -21.39 -7.53 -8.98
C VAL A 178 -20.05 -8.18 -9.35
N ALA A 179 -19.04 -7.35 -9.58
CA ALA A 179 -17.71 -7.82 -9.92
C ALA A 179 -16.68 -6.73 -9.60
N PHE A 180 -15.46 -7.16 -9.30
CA PHE A 180 -14.38 -6.23 -9.01
C PHE A 180 -13.13 -6.66 -9.76
N CYS A 181 -12.64 -5.79 -10.63
CA CYS A 181 -11.43 -6.12 -11.37
C CYS A 181 -10.27 -5.81 -10.45
N HIS A 182 -9.55 -6.86 -10.04
CA HIS A 182 -8.43 -6.71 -9.13
C HIS A 182 -7.07 -6.78 -9.79
N GLN A 183 -7.02 -7.16 -11.07
CA GLN A 183 -5.73 -7.28 -11.75
C GLN A 183 -5.85 -7.07 -13.26
N VAL A 184 -4.88 -6.34 -13.81
CA VAL A 184 -4.83 -6.10 -15.24
C VAL A 184 -3.40 -6.48 -15.62
N GLY A 185 -3.28 -7.44 -16.53
CA GLY A 185 -1.96 -7.89 -16.92
C GLY A 185 -1.69 -9.25 -16.31
N ASP A 186 -0.54 -9.82 -16.62
CA ASP A 186 -0.14 -11.14 -16.14
C ASP A 186 1.38 -11.19 -16.04
N GLY A 187 1.91 -11.54 -14.88
CA GLY A 187 3.36 -11.61 -14.73
C GLY A 187 4.00 -12.49 -15.79
N ASP A 188 3.35 -13.60 -16.10
CA ASP A 188 3.87 -14.54 -17.09
C ASP A 188 4.08 -13.91 -18.45
N ILE A 189 3.25 -12.93 -18.79
CA ILE A 189 3.36 -12.26 -20.07
C ILE A 189 4.17 -10.98 -19.97
N ASP A 190 3.81 -10.12 -19.01
CA ASP A 190 4.48 -8.84 -18.81
C ASP A 190 5.99 -8.92 -18.57
N HIS A 191 6.42 -9.90 -17.78
CA HIS A 191 7.84 -10.02 -17.48
C HIS A 191 8.73 -10.46 -18.65
N ALA A 192 8.11 -10.90 -19.74
CA ALA A 192 8.89 -11.33 -20.92
C ALA A 192 9.33 -10.14 -21.76
N PHE A 193 8.92 -8.94 -21.35
CA PHE A 193 9.28 -7.72 -22.07
C PHE A 193 9.95 -6.72 -21.17
N TRP A 194 10.73 -5.82 -21.77
CA TRP A 194 11.42 -4.77 -21.04
C TRP A 194 11.50 -3.54 -21.92
N GLY A 195 10.65 -2.57 -21.65
CA GLY A 195 10.63 -1.35 -22.43
C GLY A 195 9.77 -0.31 -21.73
N ALA A 196 9.67 0.88 -22.31
CA ALA A 196 8.86 1.93 -21.70
C ALA A 196 7.39 1.50 -21.73
N PRO A 197 6.65 1.75 -20.64
CA PRO A 197 5.24 1.37 -20.60
C PRO A 197 4.38 2.01 -21.70
N GLU A 198 4.78 3.20 -22.15
CA GLU A 198 4.06 3.91 -23.20
C GLU A 198 4.04 3.15 -24.54
N ASN A 199 5.02 2.29 -24.77
CA ASN A 199 5.08 1.53 -26.02
C ASN A 199 4.64 0.08 -25.92
N ASP A 200 4.20 -0.34 -24.74
CA ASP A 200 3.75 -1.72 -24.54
C ASP A 200 2.49 -2.01 -25.36
N THR A 201 2.37 -3.23 -25.88
CA THR A 201 1.17 -3.60 -26.63
C THR A 201 0.75 -5.03 -26.31
N MET A 202 1.48 -5.69 -25.42
CA MET A 202 1.17 -7.08 -25.08
C MET A 202 -0.18 -7.28 -24.40
N PHE A 203 -0.66 -8.52 -24.44
CA PHE A 203 -1.94 -8.91 -23.84
C PHE A 203 -2.01 -8.64 -22.33
N ARG A 204 -3.05 -7.92 -21.91
CA ARG A 204 -3.26 -7.58 -20.51
C ARG A 204 -4.67 -7.97 -20.08
N ARG A 205 -4.80 -9.21 -19.63
CA ARG A 205 -6.07 -9.76 -19.20
C ARG A 205 -6.60 -9.03 -17.96
N GLY A 206 -7.92 -8.95 -17.87
CA GLY A 206 -8.54 -8.32 -16.71
C GLY A 206 -9.04 -9.46 -15.84
N TRP A 207 -8.65 -9.48 -14.57
CA TRP A 207 -9.10 -10.55 -13.68
C TRP A 207 -10.11 -9.95 -12.70
N PHE A 208 -11.24 -10.64 -12.56
CA PHE A 208 -12.33 -10.15 -11.73
C PHE A 208 -12.77 -11.07 -10.61
N ILE A 209 -13.14 -10.48 -9.47
CA ILE A 209 -13.65 -11.27 -8.36
C ILE A 209 -15.17 -11.19 -8.54
N THR A 210 -15.81 -12.33 -8.34
CA THR A 210 -17.23 -12.50 -8.52
C THR A 210 -17.77 -13.27 -7.31
N LYS A 211 -19.08 -13.31 -7.12
CA LYS A 211 -19.63 -14.04 -5.98
C LYS A 211 -19.43 -15.55 -6.18
N GLU A 212 -19.02 -15.95 -7.38
CA GLU A 212 -18.84 -17.36 -7.69
C GLU A 212 -17.58 -18.01 -7.10
N LYS A 213 -16.63 -17.21 -6.64
CA LYS A 213 -15.41 -17.73 -6.02
C LYS A 213 -14.91 -16.67 -5.04
N PRO A 214 -14.48 -17.07 -3.84
CA PRO A 214 -13.98 -16.13 -2.83
C PRO A 214 -12.82 -15.26 -3.27
N GLY A 215 -12.80 -14.03 -2.77
CA GLY A 215 -11.74 -13.09 -3.08
C GLY A 215 -11.67 -12.13 -1.91
N THR A 216 -12.07 -12.64 -0.75
CA THR A 216 -12.13 -11.88 0.49
C THR A 216 -10.93 -11.01 0.83
N ASP A 217 -9.72 -11.54 0.65
CA ASP A 217 -8.54 -10.76 0.98
C ASP A 217 -8.43 -9.48 0.14
N ILE A 218 -8.51 -9.60 -1.18
CA ILE A 218 -8.41 -8.41 -2.04
C ILE A 218 -9.60 -7.48 -1.90
N ILE A 219 -10.81 -8.03 -1.78
CA ILE A 219 -12.02 -7.22 -1.64
C ILE A 219 -11.89 -6.36 -0.38
N SER A 220 -11.48 -6.99 0.73
CA SER A 220 -11.33 -6.29 2.00
C SER A 220 -10.18 -5.28 1.98
N ALA A 221 -9.05 -5.67 1.38
CA ALA A 221 -7.91 -4.77 1.30
C ALA A 221 -8.33 -3.50 0.57
N THR A 222 -9.14 -3.67 -0.47
CA THR A 222 -9.61 -2.54 -1.25
C THR A 222 -10.62 -1.69 -0.47
N ALA A 223 -11.54 -2.34 0.23
CA ALA A 223 -12.52 -1.59 1.02
C ALA A 223 -11.83 -0.75 2.08
N ALA A 224 -10.75 -1.28 2.66
CA ALA A 224 -10.01 -0.56 3.68
C ALA A 224 -9.48 0.75 3.11
N SER A 225 -8.83 0.66 1.95
CA SER A 225 -8.27 1.82 1.28
C SER A 225 -9.32 2.91 1.04
N LEU A 226 -10.49 2.50 0.56
CA LEU A 226 -11.58 3.42 0.30
C LEU A 226 -12.11 4.05 1.58
N ALA A 227 -12.14 3.28 2.67
CA ALA A 227 -12.60 3.80 3.95
C ALA A 227 -11.59 4.85 4.43
N ILE A 228 -10.30 4.57 4.20
CA ILE A 228 -9.24 5.50 4.57
C ILE A 228 -9.37 6.76 3.71
N ASN A 229 -9.76 6.59 2.45
CA ASN A 229 -9.91 7.71 1.52
C ASN A 229 -11.00 8.63 2.07
N TYR A 230 -12.06 8.03 2.60
CA TYR A 230 -13.14 8.82 3.18
C TYR A 230 -12.56 9.62 4.34
N MET A 231 -11.82 8.94 5.22
CA MET A 231 -11.23 9.60 6.39
C MET A 231 -10.34 10.76 5.99
N ASN A 232 -9.62 10.62 4.88
CA ASN A 232 -8.71 11.65 4.39
C ASN A 232 -9.40 12.81 3.69
N PHE A 233 -10.58 12.58 3.12
CA PHE A 233 -11.27 13.64 2.38
C PHE A 233 -12.60 14.14 2.95
N LYS A 234 -13.08 13.55 4.02
CA LYS A 234 -14.37 13.94 4.59
C LYS A 234 -14.58 15.41 4.94
N ASP A 235 -13.50 16.14 5.21
CA ASP A 235 -13.62 17.55 5.57
C ASP A 235 -13.32 18.42 4.37
N THR A 236 -12.37 17.94 3.57
CA THR A 236 -11.90 18.62 2.39
C THR A 236 -12.73 18.50 1.11
N ASP A 237 -13.36 17.35 0.89
CA ASP A 237 -14.19 17.11 -0.30
C ASP A 237 -15.24 16.11 0.14
N PRO A 238 -16.23 16.56 0.93
CA PRO A 238 -17.32 15.72 1.45
C PRO A 238 -18.01 14.79 0.46
N GLN A 239 -18.28 15.29 -0.74
CA GLN A 239 -18.96 14.50 -1.76
C GLN A 239 -18.09 13.34 -2.24
N TYR A 240 -16.81 13.62 -2.46
CA TYR A 240 -15.86 12.60 -2.90
C TYR A 240 -15.66 11.59 -1.78
N ALA A 241 -15.59 12.09 -0.55
CA ALA A 241 -15.40 11.24 0.61
C ALA A 241 -16.59 10.31 0.76
N ALA A 242 -17.79 10.84 0.54
CA ALA A 242 -19.02 10.06 0.66
C ALA A 242 -19.02 8.96 -0.38
N LYS A 243 -18.55 9.27 -1.59
CA LYS A 243 -18.51 8.27 -2.64
C LYS A 243 -17.56 7.13 -2.26
N SER A 244 -16.38 7.50 -1.74
CA SER A 244 -15.39 6.51 -1.32
C SER A 244 -15.98 5.60 -0.25
N LEU A 245 -16.61 6.20 0.75
CA LEU A 245 -17.22 5.42 1.83
C LEU A 245 -18.33 4.52 1.31
N ASP A 246 -19.10 4.99 0.34
CA ASP A 246 -20.17 4.18 -0.21
C ASP A 246 -19.61 2.94 -0.89
N TYR A 247 -18.55 3.12 -1.68
CA TYR A 247 -17.91 1.99 -2.34
C TYR A 247 -17.25 1.06 -1.30
N ALA A 248 -16.64 1.65 -0.28
CA ALA A 248 -15.98 0.85 0.76
C ALA A 248 -16.97 -0.09 1.45
N LYS A 249 -18.10 0.46 1.88
CA LYS A 249 -19.13 -0.33 2.56
C LYS A 249 -19.68 -1.44 1.68
N ALA A 250 -19.85 -1.14 0.39
CA ALA A 250 -20.38 -2.12 -0.56
C ALA A 250 -19.41 -3.28 -0.73
N LEU A 251 -18.13 -2.95 -0.88
CA LEU A 251 -17.10 -3.97 -1.02
C LEU A 251 -17.07 -4.82 0.24
N PHE A 252 -17.06 -4.17 1.41
CA PHE A 252 -17.03 -4.93 2.67
C PHE A 252 -18.24 -5.84 2.79
N ASP A 253 -19.40 -5.36 2.36
CA ASP A 253 -20.62 -6.17 2.44
C ASP A 253 -20.52 -7.39 1.54
N PHE A 254 -19.87 -7.21 0.39
CA PHE A 254 -19.67 -8.29 -0.55
C PHE A 254 -18.75 -9.33 0.11
N ALA A 255 -17.69 -8.86 0.76
CA ALA A 255 -16.76 -9.77 1.44
C ALA A 255 -17.45 -10.48 2.59
N GLU A 256 -18.25 -9.74 3.34
CA GLU A 256 -18.96 -10.30 4.49
C GLU A 256 -19.99 -11.36 4.09
N LYS A 257 -20.83 -11.01 3.14
CA LYS A 257 -21.92 -11.86 2.66
C LYS A 257 -21.54 -13.14 1.90
N ASN A 258 -20.44 -13.10 1.17
CA ASN A 258 -20.04 -14.26 0.38
C ASN A 258 -19.02 -15.19 1.05
N PRO A 259 -18.93 -16.44 0.57
CA PRO A 259 -17.98 -17.41 1.14
C PRO A 259 -16.57 -16.83 1.24
N LYS A 260 -15.88 -17.17 2.31
CA LYS A 260 -14.55 -16.68 2.60
C LYS A 260 -13.40 -17.45 1.94
N GLY A 261 -12.34 -16.73 1.57
CA GLY A 261 -11.18 -17.33 0.95
C GLY A 261 -10.29 -16.27 0.33
N VAL A 262 -9.11 -16.65 -0.13
CA VAL A 262 -8.22 -15.69 -0.76
C VAL A 262 -8.24 -15.92 -2.27
N VAL A 263 -7.93 -14.87 -3.03
CA VAL A 263 -7.89 -15.03 -4.48
C VAL A 263 -6.75 -16.03 -4.74
N GLN A 264 -7.04 -17.05 -5.55
CA GLN A 264 -6.07 -18.09 -5.87
C GLN A 264 -5.07 -17.70 -6.95
N GLY A 265 -3.90 -18.32 -6.91
CA GLY A 265 -2.86 -18.02 -7.88
C GLY A 265 -3.30 -18.14 -9.33
N GLU A 266 -4.04 -19.19 -9.65
CA GLU A 266 -4.53 -19.41 -11.03
C GLU A 266 -5.53 -18.35 -11.46
N ASP A 267 -6.08 -17.62 -10.51
CA ASP A 267 -7.06 -16.60 -10.86
C ASP A 267 -6.45 -15.23 -10.90
N GLY A 268 -5.16 -15.25 -11.22
CA GLY A 268 -4.41 -13.99 -11.38
C GLY A 268 -3.07 -13.71 -10.74
N PRO A 269 -2.82 -13.98 -9.46
CA PRO A 269 -1.46 -13.55 -9.19
C PRO A 269 -0.32 -14.52 -9.25
N LYS A 270 -0.68 -15.76 -9.62
CA LYS A 270 -0.03 -17.06 -9.56
C LYS A 270 1.19 -16.99 -8.66
N GLY A 271 2.47 -16.92 -9.04
CA GLY A 271 3.38 -17.00 -7.95
C GLY A 271 3.93 -15.67 -7.51
N TYR A 272 3.42 -14.59 -8.10
CA TYR A 272 3.92 -13.26 -7.82
C TYR A 272 3.47 -12.69 -6.49
N TYR A 273 2.21 -12.91 -6.16
CA TYR A 273 1.66 -12.44 -4.89
C TYR A 273 0.75 -13.50 -4.28
N GLY A 274 1.39 -14.47 -3.62
CA GLY A 274 0.67 -15.56 -2.96
C GLY A 274 0.13 -15.08 -1.64
N SER A 275 -1.18 -15.06 -1.52
CA SER A 275 -1.85 -14.58 -0.30
C SER A 275 -2.02 -15.63 0.78
N SER A 276 -1.54 -15.32 1.99
CA SER A 276 -1.65 -16.25 3.12
C SER A 276 -3.07 -16.33 3.68
N LYS A 277 -3.70 -15.17 3.93
CA LYS A 277 -5.05 -15.20 4.48
C LYS A 277 -5.87 -13.95 4.20
N TRP A 278 -7.16 -14.04 4.53
CA TRP A 278 -8.07 -12.93 4.32
C TRP A 278 -8.51 -12.26 5.62
N GLN A 279 -8.37 -12.96 6.74
CA GLN A 279 -8.81 -12.41 8.02
C GLN A 279 -8.19 -11.08 8.45
N ASP A 280 -6.90 -10.88 8.16
CA ASP A 280 -6.26 -9.62 8.54
C ASP A 280 -6.80 -8.47 7.68
N ASP A 281 -6.94 -8.68 6.37
CA ASP A 281 -7.46 -7.63 5.49
C ASP A 281 -8.91 -7.31 5.87
N TYR A 282 -9.66 -8.35 6.19
CA TYR A 282 -11.07 -8.21 6.57
C TYR A 282 -11.16 -7.34 7.83
N CYS A 283 -10.35 -7.65 8.84
CA CYS A 283 -10.35 -6.90 10.09
C CYS A 283 -9.84 -5.47 9.91
N TRP A 284 -8.85 -5.32 9.03
CA TRP A 284 -8.26 -4.01 8.69
C TRP A 284 -9.37 -3.11 8.10
N ALA A 285 -10.14 -3.63 7.15
CA ALA A 285 -11.23 -2.88 6.55
C ALA A 285 -12.30 -2.57 7.59
N ALA A 286 -12.66 -3.58 8.38
CA ALA A 286 -13.68 -3.43 9.41
C ALA A 286 -13.31 -2.33 10.41
N ALA A 287 -12.05 -2.35 10.86
CA ALA A 287 -11.60 -1.35 11.82
C ALA A 287 -11.70 0.05 11.24
N TRP A 288 -11.27 0.22 9.99
CA TRP A 288 -11.34 1.52 9.35
C TRP A 288 -12.78 1.96 9.11
N LEU A 289 -13.64 1.00 8.80
CA LEU A 289 -15.05 1.33 8.58
C LEU A 289 -15.73 1.74 9.88
N TYR A 290 -15.27 1.20 11.01
CA TYR A 290 -15.88 1.60 12.28
C TYR A 290 -15.42 3.02 12.56
N LEU A 291 -14.15 3.29 12.28
CA LEU A 291 -13.58 4.61 12.49
C LEU A 291 -14.34 5.64 11.65
N ALA A 292 -14.73 5.23 10.44
CA ALA A 292 -15.45 6.11 9.54
C ALA A 292 -16.93 6.29 9.83
N THR A 293 -17.57 5.24 10.35
CA THR A 293 -19.03 5.29 10.59
C THR A 293 -19.61 5.20 11.99
N GLN A 294 -18.80 4.68 12.92
CA GLN A 294 -19.14 4.32 14.31
C GLN A 294 -20.34 3.35 14.39
N ASN A 295 -20.52 2.59 13.30
CA ASN A 295 -21.53 1.54 13.20
C ASN A 295 -20.92 0.30 13.93
N GLU A 296 -21.51 -0.03 15.07
CA GLU A 296 -21.03 -1.13 15.87
C GLU A 296 -20.87 -2.45 15.15
N HIS A 297 -21.62 -2.64 14.07
CA HIS A 297 -21.53 -3.88 13.30
C HIS A 297 -20.11 -4.16 12.81
N TYR A 298 -19.42 -3.10 12.37
CA TYR A 298 -18.07 -3.24 11.88
C TYR A 298 -17.11 -3.64 12.98
N LEU A 299 -17.28 -3.06 14.17
CA LEU A 299 -16.41 -3.40 15.28
C LEU A 299 -16.67 -4.86 15.66
N ASP A 300 -17.92 -5.30 15.57
CA ASP A 300 -18.28 -6.68 15.89
C ASP A 300 -17.62 -7.63 14.90
N GLU A 301 -17.55 -7.22 13.63
CA GLU A 301 -16.91 -8.06 12.63
C GLU A 301 -15.41 -8.11 12.87
N ALA A 302 -14.83 -6.98 13.27
CA ALA A 302 -13.40 -6.93 13.53
C ALA A 302 -13.07 -7.83 14.71
N PHE A 303 -13.85 -7.74 15.78
CA PHE A 303 -13.63 -8.54 16.97
C PHE A 303 -13.82 -10.03 16.72
N LYS A 304 -14.70 -10.37 15.79
CA LYS A 304 -14.96 -11.78 15.46
C LYS A 304 -13.75 -12.50 14.87
N TYR A 305 -12.94 -11.79 14.09
CA TYR A 305 -11.79 -12.43 13.45
C TYR A 305 -10.41 -11.93 13.88
N TYR A 306 -10.36 -10.87 14.67
CA TYR A 306 -9.09 -10.33 15.13
C TYR A 306 -8.22 -11.30 15.92
N ASP A 307 -7.01 -11.56 15.42
CA ASP A 307 -6.05 -12.46 16.06
C ASP A 307 -5.15 -11.57 16.92
N TYR A 308 -5.49 -11.49 18.20
CA TYR A 308 -4.74 -10.67 19.16
C TYR A 308 -3.28 -11.10 19.27
N TYR A 309 -3.01 -12.36 18.91
CA TYR A 309 -1.67 -12.91 19.01
C TYR A 309 -0.79 -12.67 17.77
N ALA A 310 -1.39 -12.19 16.68
CA ALA A 310 -0.66 -11.97 15.44
C ALA A 310 0.24 -10.74 15.30
N PRO A 311 -0.22 -9.56 15.72
CA PRO A 311 0.63 -8.37 15.56
C PRO A 311 2.14 -8.45 15.80
N PRO A 312 2.56 -9.01 16.94
CA PRO A 312 4.00 -9.11 17.26
C PRO A 312 4.87 -10.01 16.40
N GLY A 313 4.19 -10.92 15.70
CA GLY A 313 4.84 -11.90 14.86
C GLY A 313 5.67 -11.47 13.69
N TRP A 314 4.99 -10.81 12.75
CA TRP A 314 5.55 -10.31 11.50
C TRP A 314 5.56 -8.77 11.57
N ILE A 315 5.51 -8.05 10.44
CA ILE A 315 5.34 -6.60 10.48
C ILE A 315 4.31 -6.22 9.38
N HIS A 316 3.84 -4.98 9.36
CA HIS A 316 2.83 -4.59 8.40
C HIS A 316 3.37 -4.76 6.96
N CYS A 317 2.66 -5.48 6.08
CA CYS A 317 3.09 -5.67 4.69
C CYS A 317 1.93 -6.16 3.83
N TRP A 318 2.08 -6.13 2.51
CA TRP A 318 0.98 -6.55 1.64
C TRP A 318 0.38 -7.92 1.98
N ASN A 319 1.18 -8.82 2.51
CA ASN A 319 0.69 -10.16 2.84
C ASN A 319 0.30 -10.35 4.32
N ASP A 320 0.31 -9.25 5.08
CA ASP A 320 -0.06 -9.32 6.49
C ASP A 320 -0.26 -7.93 7.08
N VAL A 321 -1.52 -7.55 7.26
CA VAL A 321 -1.82 -6.24 7.81
C VAL A 321 -2.37 -6.31 9.24
N TRP A 322 -2.03 -7.38 9.96
CA TRP A 322 -2.48 -7.53 11.34
C TRP A 322 -1.94 -6.42 12.25
N SER A 323 -0.68 -6.02 12.08
CA SER A 323 -0.12 -4.98 12.92
C SER A 323 -0.79 -3.63 12.68
N GLY A 324 -1.12 -3.34 11.42
CA GLY A 324 -1.79 -2.09 11.12
C GLY A 324 -3.18 -2.14 11.73
N THR A 325 -3.82 -3.29 11.63
CA THR A 325 -5.16 -3.49 12.18
C THR A 325 -5.13 -3.23 13.68
N ALA A 326 -4.16 -3.82 14.37
CA ALA A 326 -4.04 -3.64 15.81
C ALA A 326 -3.94 -2.17 16.17
N CYS A 327 -3.19 -1.41 15.37
CA CYS A 327 -3.03 0.02 15.63
C CYS A 327 -4.37 0.76 15.54
N ILE A 328 -5.15 0.44 14.52
CA ILE A 328 -6.43 1.11 14.34
C ILE A 328 -7.42 0.74 15.44
N LEU A 329 -7.47 -0.54 15.80
CA LEU A 329 -8.35 -0.98 16.87
C LEU A 329 -7.95 -0.30 18.18
N ALA A 330 -6.66 -0.08 18.37
CA ALA A 330 -6.19 0.58 19.59
C ALA A 330 -6.58 2.05 19.58
N GLU A 331 -6.48 2.70 18.41
CA GLU A 331 -6.85 4.11 18.32
C GLU A 331 -8.36 4.24 18.52
N ILE A 332 -9.12 3.24 18.05
CA ILE A 332 -10.56 3.24 18.20
C ILE A 332 -10.89 3.15 19.69
N ASN A 333 -10.15 2.29 20.40
CA ASN A 333 -10.36 2.12 21.82
C ASN A 333 -10.03 3.40 22.58
N ASP A 334 -8.95 4.07 22.20
CA ASP A 334 -8.53 5.30 22.86
C ASP A 334 -9.57 6.40 22.65
N LEU A 335 -10.10 6.46 21.44
CA LEU A 335 -11.08 7.45 21.04
C LEU A 335 -12.46 7.32 21.69
N TYR A 336 -12.96 6.09 21.72
CA TYR A 336 -14.29 5.81 22.21
C TYR A 336 -14.50 4.95 23.46
N ASP A 337 -13.45 4.32 23.97
CA ASP A 337 -13.62 3.47 25.14
C ASP A 337 -12.38 3.51 26.05
N LYS A 338 -11.68 4.64 26.08
CA LYS A 338 -10.47 4.81 26.88
C LYS A 338 -10.56 4.43 28.35
N ASP A 339 -11.58 4.94 29.05
CA ASP A 339 -11.71 4.68 30.48
C ASP A 339 -12.62 3.53 30.95
N SER A 340 -12.86 2.53 30.12
CA SER A 340 -13.68 1.41 30.54
C SER A 340 -13.22 0.14 29.85
N GLN A 341 -13.76 -1.02 30.23
CA GLN A 341 -13.36 -2.29 29.62
C GLN A 341 -14.36 -2.86 28.62
N ASN A 342 -15.34 -2.05 28.21
CA ASN A 342 -16.36 -2.52 27.28
C ASN A 342 -15.85 -3.14 25.99
N PHE A 343 -14.98 -2.44 25.26
CA PHE A 343 -14.45 -2.98 24.01
C PHE A 343 -13.61 -4.24 24.27
N GLU A 344 -12.79 -4.21 25.31
CA GLU A 344 -11.96 -5.37 25.64
C GLU A 344 -12.82 -6.59 25.95
N ASP A 345 -13.84 -6.40 26.78
CA ASP A 345 -14.71 -7.51 27.15
C ASP A 345 -15.55 -7.99 25.98
N ARG A 346 -15.93 -7.08 25.09
CA ARG A 346 -16.71 -7.46 23.91
C ARG A 346 -15.80 -8.29 23.00
N TYR A 347 -14.55 -7.88 22.89
CA TYR A 347 -13.61 -8.62 22.05
C TYR A 347 -13.38 -10.03 22.60
N LYS A 348 -13.23 -10.15 23.92
CA LYS A 348 -13.01 -11.47 24.52
C LYS A 348 -14.21 -12.37 24.24
N ARG A 349 -15.42 -11.83 24.39
CA ARG A 349 -16.63 -12.62 24.13
C ARG A 349 -16.68 -13.04 22.67
N ALA A 350 -16.29 -12.14 21.78
CA ALA A 350 -16.31 -12.39 20.34
C ALA A 350 -15.29 -13.41 19.82
N SER A 351 -14.12 -13.47 20.46
CA SER A 351 -13.07 -14.39 20.02
C SER A 351 -12.91 -15.50 21.04
N ASN A 352 -13.98 -15.73 21.80
CA ASN A 352 -14.07 -16.70 22.89
C ASN A 352 -12.82 -16.97 23.73
N LYS A 353 -12.47 -15.91 24.47
CA LYS A 353 -11.37 -15.87 25.40
C LYS A 353 -12.09 -15.73 26.73
N ASN A 354 -11.44 -16.10 27.83
CA ASN A 354 -12.05 -15.97 29.14
C ASN A 354 -12.11 -14.47 29.46
N GLN A 355 -13.14 -14.04 30.20
CA GLN A 355 -13.28 -12.63 30.54
C GLN A 355 -12.13 -12.10 31.36
N TRP A 356 -11.41 -12.99 32.02
CA TRP A 356 -10.28 -12.55 32.84
C TRP A 356 -8.97 -12.52 32.09
N GLU A 357 -8.97 -12.88 30.81
CA GLU A 357 -7.73 -12.81 30.05
C GLU A 357 -7.40 -11.32 29.90
N GLN A 358 -6.12 -10.95 29.99
CA GLN A 358 -5.76 -9.54 29.86
C GLN A 358 -5.71 -9.11 28.40
N ILE A 359 -6.42 -8.03 28.09
CA ILE A 359 -6.47 -7.48 26.76
C ILE A 359 -6.24 -5.98 26.84
N ASP A 360 -5.20 -5.53 26.13
CA ASP A 360 -4.85 -4.11 26.05
C ASP A 360 -4.57 -3.96 24.57
N PHE A 361 -5.44 -3.23 23.89
CA PHE A 361 -5.30 -3.05 22.45
C PHE A 361 -3.93 -2.58 21.94
N TRP A 362 -3.20 -1.79 22.72
CA TRP A 362 -1.88 -1.34 22.28
C TRP A 362 -0.76 -2.35 22.61
N LYS A 363 -1.03 -3.29 23.53
CA LYS A 363 -0.03 -4.26 23.94
C LYS A 363 0.57 -5.09 22.81
N PRO A 364 -0.26 -5.58 21.87
CA PRO A 364 0.35 -6.37 20.78
C PRO A 364 1.37 -5.58 19.98
N ILE A 365 1.15 -4.28 19.83
CA ILE A 365 2.06 -3.44 19.08
C ILE A 365 3.26 -3.05 19.94
N GLN A 366 3.06 -2.98 21.26
CA GLN A 366 4.18 -2.65 22.13
C GLN A 366 5.14 -3.83 22.07
N ASP A 367 4.58 -5.04 21.99
CA ASP A 367 5.39 -6.26 21.89
C ASP A 367 6.13 -6.31 20.56
N LEU A 368 5.44 -5.92 19.49
CA LEU A 368 6.02 -5.90 18.16
C LEU A 368 7.20 -4.94 18.13
N LEU A 369 6.98 -3.75 18.68
CA LEU A 369 8.01 -2.72 18.71
C LEU A 369 9.19 -3.05 19.62
N ASP A 370 8.93 -3.71 20.75
CA ASP A 370 10.03 -4.10 21.64
C ASP A 370 10.89 -5.10 20.89
N LYS A 371 10.23 -5.93 20.09
CA LYS A 371 10.91 -6.95 19.32
C LYS A 371 11.81 -6.32 18.25
N TRP A 372 11.24 -5.41 17.46
CA TRP A 372 11.98 -4.73 16.39
C TRP A 372 13.05 -3.74 16.85
N SER A 373 12.73 -2.95 17.86
CA SER A 373 13.66 -1.94 18.35
C SER A 373 14.56 -2.40 19.49
N GLY A 374 14.24 -3.53 20.10
CA GLY A 374 15.00 -3.99 21.24
C GLY A 374 15.88 -5.22 21.11
N GLY A 375 16.22 -5.61 19.89
CA GLY A 375 17.09 -6.76 19.72
C GLY A 375 16.42 -8.10 19.42
N GLY A 376 15.11 -8.11 19.20
CA GLY A 376 14.43 -9.36 18.91
C GLY A 376 14.63 -9.79 17.47
N ILE A 377 14.57 -8.83 16.55
CA ILE A 377 14.75 -9.10 15.13
C ILE A 377 16.23 -8.88 14.78
N THR A 378 16.77 -9.76 13.95
CA THR A 378 18.15 -9.72 13.51
C THR A 378 18.64 -8.34 13.08
N VAL A 379 19.78 -7.90 13.60
CA VAL A 379 20.31 -6.63 13.15
C VAL A 379 21.70 -6.89 12.58
N THR A 380 21.97 -6.29 11.42
CA THR A 380 23.23 -6.45 10.72
C THR A 380 24.41 -5.86 11.49
N PRO A 381 25.64 -6.24 11.11
CA PRO A 381 26.81 -5.70 11.79
C PRO A 381 26.74 -4.19 11.73
N GLY A 382 26.17 -3.70 10.62
CA GLY A 382 26.02 -2.27 10.43
C GLY A 382 24.94 -1.59 11.26
N GLY A 383 24.12 -2.36 11.98
CA GLY A 383 23.08 -1.76 12.81
C GLY A 383 21.70 -1.63 12.20
N TYR A 384 21.46 -2.36 11.11
CA TYR A 384 20.19 -2.32 10.39
C TYR A 384 19.32 -3.51 10.76
N VAL A 385 18.08 -3.26 11.17
CA VAL A 385 17.18 -4.36 11.54
C VAL A 385 16.65 -5.00 10.26
N PHE A 386 17.07 -6.25 10.07
CA PHE A 386 16.82 -7.07 8.90
C PHE A 386 15.92 -8.31 9.15
N LEU A 387 14.70 -8.32 8.61
CA LEU A 387 13.79 -9.47 8.79
C LEU A 387 14.29 -10.59 7.87
N ASN A 388 14.33 -10.31 6.57
CA ASN A 388 14.85 -11.25 5.59
C ASN A 388 15.32 -10.45 4.37
N GLN A 389 15.97 -11.11 3.42
CA GLN A 389 16.53 -10.43 2.25
C GLN A 389 15.60 -9.88 1.17
N TRP A 390 14.36 -10.35 1.11
CA TRP A 390 13.45 -9.86 0.08
C TRP A 390 12.68 -8.63 0.56
N GLY A 391 13.22 -7.46 0.21
CA GLY A 391 12.60 -6.21 0.60
C GLY A 391 12.75 -5.94 2.07
N SER A 392 14.00 -5.99 2.56
CA SER A 392 14.25 -5.74 3.96
C SER A 392 13.87 -4.30 4.33
N ALA A 393 14.11 -3.37 3.41
CA ALA A 393 13.80 -1.95 3.63
C ALA A 393 12.29 -1.72 3.76
N ARG A 394 11.54 -2.50 3.00
CA ARG A 394 10.09 -2.43 3.01
C ARG A 394 9.55 -2.84 4.38
N TYR A 395 10.17 -3.84 4.98
CA TYR A 395 9.76 -4.31 6.32
C TYR A 395 10.22 -3.33 7.39
N ASN A 396 11.48 -2.89 7.26
CA ASN A 396 12.05 -1.96 8.22
C ASN A 396 11.26 -0.66 8.32
N THR A 397 10.96 -0.05 7.17
CA THR A 397 10.20 1.20 7.19
C THR A 397 8.77 1.02 7.70
N ALA A 398 8.23 -0.19 7.55
CA ALA A 398 6.89 -0.48 8.06
C ALA A 398 6.96 -0.46 9.58
N ALA A 399 8.04 -1.00 10.13
CA ALA A 399 8.23 -1.00 11.58
C ALA A 399 8.42 0.44 12.04
N GLN A 400 9.14 1.22 11.24
CA GLN A 400 9.36 2.63 11.56
C GLN A 400 8.02 3.34 11.66
N LEU A 401 7.17 3.09 10.67
CA LEU A 401 5.84 3.72 10.65
C LEU A 401 5.08 3.38 11.92
N ILE A 402 5.00 2.08 12.24
CA ILE A 402 4.29 1.64 13.45
C ILE A 402 4.91 2.30 14.67
N ALA A 403 6.23 2.40 14.70
CA ALA A 403 6.91 3.02 15.83
C ALA A 403 6.49 4.47 16.03
N LEU A 404 6.42 5.22 14.92
CA LEU A 404 6.04 6.63 14.95
C LEU A 404 4.56 6.83 15.26
N VAL A 405 3.72 5.91 14.82
CA VAL A 405 2.29 5.99 15.09
C VAL A 405 2.05 5.73 16.59
N TYR A 406 2.79 4.77 17.16
CA TYR A 406 2.64 4.45 18.57
C TYR A 406 3.01 5.66 19.43
N ASP A 407 4.13 6.30 19.11
CA ASP A 407 4.56 7.47 19.88
C ASP A 407 3.58 8.62 19.74
N LYS A 408 3.03 8.79 18.54
CA LYS A 408 2.08 9.86 18.33
C LYS A 408 0.91 9.69 19.29
N HIS A 409 0.44 8.45 19.42
CA HIS A 409 -0.70 8.18 20.27
C HIS A 409 -0.41 7.94 21.75
N HIS A 410 0.84 8.20 22.14
CA HIS A 410 1.23 8.07 23.53
C HIS A 410 1.97 9.32 23.97
N GLY A 411 1.26 10.45 23.97
CA GLY A 411 1.86 11.70 24.38
C GLY A 411 2.34 12.53 23.20
N ASP A 412 2.24 11.94 22.00
CA ASP A 412 2.68 12.62 20.78
C ASP A 412 4.07 13.23 20.99
N THR A 413 4.99 12.42 21.46
CA THR A 413 6.36 12.86 21.70
C THR A 413 7.23 11.64 21.41
N PRO A 414 8.46 11.86 20.91
CA PRO A 414 9.32 10.72 20.62
C PRO A 414 9.84 10.01 21.83
N SER A 415 9.81 8.69 21.72
CA SER A 415 10.26 7.77 22.73
C SER A 415 11.37 6.92 22.09
N LYS A 416 11.80 5.89 22.82
CA LYS A 416 12.82 4.97 22.34
C LYS A 416 12.36 4.39 20.99
N TYR A 417 11.05 4.29 20.75
CA TYR A 417 10.59 3.74 19.47
C TYR A 417 10.92 4.68 18.31
N ALA A 418 10.48 5.93 18.42
CA ALA A 418 10.76 6.92 17.38
C ALA A 418 12.27 7.12 17.23
N ASN A 419 12.99 7.15 18.35
CA ASN A 419 14.43 7.32 18.31
C ASN A 419 15.04 6.16 17.53
N TRP A 420 14.51 4.96 17.75
CA TRP A 420 14.99 3.79 17.04
C TRP A 420 14.67 3.92 15.55
N ALA A 421 13.43 4.33 15.26
CA ALA A 421 13.00 4.50 13.87
C ALA A 421 13.96 5.45 13.15
N ARG A 422 14.33 6.54 13.82
CA ARG A 422 15.24 7.51 13.25
C ARG A 422 16.60 6.89 12.92
N SER A 423 17.12 6.07 13.82
CA SER A 423 18.41 5.44 13.59
C SER A 423 18.31 4.55 12.34
N GLN A 424 17.16 3.91 12.15
CA GLN A 424 16.98 3.05 10.99
C GLN A 424 16.84 3.85 9.68
N MET A 425 16.10 4.96 9.72
CA MET A 425 15.96 5.77 8.51
C MET A 425 17.32 6.36 8.15
N ASP A 426 18.07 6.81 9.15
CA ASP A 426 19.40 7.38 8.88
C ASP A 426 20.30 6.30 8.26
N TYR A 427 20.16 5.05 8.69
CA TYR A 427 20.97 3.97 8.10
C TYR A 427 20.60 3.89 6.62
N LEU A 428 19.30 3.85 6.35
CA LEU A 428 18.83 3.74 4.97
C LEU A 428 19.20 4.97 4.12
N LEU A 429 19.40 6.11 4.77
CA LEU A 429 19.76 7.31 4.02
C LEU A 429 21.28 7.43 3.81
N GLY A 430 22.05 6.47 4.33
CA GLY A 430 23.49 6.53 4.14
C GLY A 430 24.40 6.28 5.33
N LYS A 431 23.86 6.27 6.55
CA LYS A 431 24.65 6.04 7.75
C LYS A 431 24.89 4.53 7.89
N ASN A 432 25.68 3.97 6.99
CA ASN A 432 25.97 2.54 6.95
C ASN A 432 27.38 2.26 6.42
N PRO A 433 27.81 0.99 6.47
CA PRO A 433 29.14 0.61 5.99
C PRO A 433 29.51 0.99 4.56
N LEU A 434 28.51 1.16 3.70
CA LEU A 434 28.76 1.52 2.30
C LEU A 434 28.54 3.00 2.03
N ASN A 435 28.15 3.73 3.09
CA ASN A 435 27.81 5.15 2.99
C ASN A 435 26.85 5.26 1.79
N ARG A 436 25.98 4.27 1.69
CA ARG A 436 25.03 4.21 0.59
C ARG A 436 23.61 4.61 0.93
N CYS A 437 23.06 5.51 0.12
CA CYS A 437 21.69 5.95 0.33
C CYS A 437 20.83 5.03 -0.53
N TYR A 438 19.87 4.37 0.11
CA TYR A 438 19.01 3.43 -0.58
C TYR A 438 17.73 4.01 -1.20
N VAL A 439 17.63 5.33 -1.20
CA VAL A 439 16.51 6.06 -1.79
C VAL A 439 17.13 6.67 -3.06
N VAL A 440 16.73 6.22 -4.24
CA VAL A 440 17.37 6.77 -5.43
C VAL A 440 17.10 8.25 -5.69
N GLY A 441 18.16 8.94 -6.14
CA GLY A 441 18.07 10.36 -6.47
C GLY A 441 18.12 11.33 -5.30
N TYR A 442 18.10 10.80 -4.08
CA TYR A 442 18.11 11.62 -2.88
C TYR A 442 19.42 12.33 -2.62
N SER A 443 20.52 11.66 -2.95
CA SER A 443 21.84 12.21 -2.67
C SER A 443 22.86 11.71 -3.70
N SER A 444 24.06 12.28 -3.69
CA SER A 444 25.07 11.84 -4.65
C SER A 444 25.48 10.41 -4.35
N ASN A 445 25.29 9.96 -3.11
CA ASN A 445 25.65 8.59 -2.75
C ASN A 445 24.48 7.60 -2.79
N SER A 446 23.41 7.94 -3.51
CA SER A 446 22.24 7.07 -3.62
C SER A 446 22.44 5.98 -4.68
N VAL A 447 21.70 4.89 -4.56
CA VAL A 447 21.78 3.84 -5.57
C VAL A 447 21.32 4.48 -6.88
N LYS A 448 21.89 4.05 -7.99
CA LYS A 448 21.55 4.65 -9.28
C LYS A 448 20.99 3.71 -10.33
N TYR A 449 20.94 2.42 -10.04
CA TYR A 449 20.43 1.46 -11.02
C TYR A 449 19.23 0.62 -10.58
N PRO A 450 18.13 1.28 -10.16
CA PRO A 450 16.98 0.48 -9.74
C PRO A 450 16.43 -0.45 -10.83
N HIS A 451 15.86 -1.57 -10.40
CA HIS A 451 15.28 -2.56 -11.31
C HIS A 451 13.91 -2.02 -11.72
N HIS A 452 13.92 -1.13 -12.72
CA HIS A 452 12.69 -0.48 -13.16
C HIS A 452 12.71 -0.21 -14.67
N ARG A 453 11.74 -0.79 -15.38
CA ARG A 453 11.66 -0.62 -16.83
C ARG A 453 11.67 0.83 -17.33
N ALA A 454 10.66 1.62 -16.96
CA ALA A 454 10.57 3.01 -17.41
C ALA A 454 11.77 3.92 -17.09
N ALA A 455 12.22 3.92 -15.84
CA ALA A 455 13.34 4.77 -15.48
C ALA A 455 14.63 4.40 -16.21
N SER A 456 14.86 3.11 -16.41
CA SER A 456 16.07 2.64 -17.08
C SER A 456 16.26 3.22 -18.48
N GLY A 457 15.20 3.23 -19.28
CA GLY A 457 15.32 3.74 -20.63
C GLY A 457 16.11 2.76 -21.49
N LEU A 458 16.22 1.52 -21.02
CA LEU A 458 16.95 0.48 -21.73
C LEU A 458 16.00 -0.57 -22.31
N LYS A 459 16.52 -1.49 -23.10
CA LYS A 459 15.71 -2.54 -23.71
C LYS A 459 16.00 -3.88 -23.04
N ASP A 460 16.87 -3.85 -22.04
CA ASP A 460 17.27 -5.09 -21.37
C ASP A 460 17.80 -4.74 -19.97
N ALA A 461 17.32 -5.46 -18.96
CA ALA A 461 17.77 -5.20 -17.58
C ALA A 461 19.26 -5.50 -17.43
N ASN A 462 19.78 -6.41 -18.26
CA ASN A 462 21.19 -6.80 -18.20
C ASN A 462 22.13 -5.76 -18.76
N ASP A 463 21.59 -4.79 -19.50
CA ASP A 463 22.39 -3.71 -20.07
C ASP A 463 22.86 -2.85 -18.90
N SER A 464 24.17 -2.68 -18.77
CA SER A 464 24.73 -1.92 -17.65
C SER A 464 24.86 -0.42 -17.79
N SER A 465 24.26 0.16 -18.83
CA SER A 465 24.35 1.59 -19.04
C SER A 465 23.58 2.39 -18.00
N PRO A 466 23.92 3.68 -17.84
CA PRO A 466 23.23 4.54 -16.87
C PRO A 466 21.76 4.59 -17.28
N HIS A 467 20.89 4.85 -16.32
CA HIS A 467 19.47 4.95 -16.63
C HIS A 467 19.24 6.27 -17.33
N LYS A 468 18.24 6.30 -18.21
CA LYS A 468 17.95 7.53 -18.94
C LYS A 468 17.26 8.53 -18.01
N TYR A 469 16.54 8.02 -17.02
CA TYR A 469 15.82 8.87 -16.07
C TYR A 469 16.04 8.49 -14.61
N VAL A 470 16.04 9.48 -13.74
CA VAL A 470 16.24 9.26 -12.32
C VAL A 470 14.90 8.98 -11.61
N LEU A 471 14.79 7.78 -11.06
CA LEU A 471 13.58 7.34 -10.35
C LEU A 471 13.58 7.91 -8.94
N TYR A 472 13.44 9.23 -8.83
CA TYR A 472 13.45 9.93 -7.55
C TYR A 472 12.54 9.33 -6.48
N GLY A 473 13.10 9.17 -5.27
CA GLY A 473 12.34 8.66 -4.15
C GLY A 473 12.08 7.19 -3.99
N ALA A 474 12.51 6.38 -4.96
CA ALA A 474 12.31 4.94 -4.85
C ALA A 474 13.21 4.35 -3.77
N LEU A 475 12.62 3.50 -2.92
CA LEU A 475 13.36 2.83 -1.85
C LEU A 475 13.58 1.42 -2.36
N VAL A 476 14.83 1.08 -2.65
CA VAL A 476 15.14 -0.26 -3.16
C VAL A 476 15.09 -1.33 -2.07
N GLY A 477 15.07 -2.59 -2.49
CA GLY A 477 15.03 -3.70 -1.56
C GLY A 477 15.90 -3.48 -0.34
N GLY A 478 17.12 -3.00 -0.56
CA GLY A 478 18.01 -2.75 0.56
C GLY A 478 19.23 -3.63 0.57
N PRO A 479 20.07 -3.51 1.62
CA PRO A 479 21.29 -4.30 1.75
C PRO A 479 20.99 -5.72 2.21
N ASP A 480 21.99 -6.60 2.13
CA ASP A 480 21.79 -7.97 2.58
C ASP A 480 22.12 -8.05 4.07
N ALA A 481 22.16 -9.25 4.63
CA ALA A 481 22.43 -9.43 6.05
C ALA A 481 23.80 -8.96 6.48
N SER A 482 24.69 -8.75 5.52
CA SER A 482 26.07 -8.32 5.81
C SER A 482 26.32 -6.88 5.36
N ASP A 483 25.24 -6.10 5.29
CA ASP A 483 25.28 -4.69 4.83
C ASP A 483 25.84 -4.58 3.40
N GLN A 484 25.88 -5.66 2.65
CA GLN A 484 26.38 -5.44 1.29
C GLN A 484 25.21 -5.24 0.30
N HIS A 485 25.55 -4.65 -0.85
CA HIS A 485 24.55 -4.33 -1.87
C HIS A 485 25.15 -4.22 -3.28
N VAL A 486 24.46 -4.77 -4.28
CA VAL A 486 24.92 -4.67 -5.66
C VAL A 486 23.98 -3.73 -6.42
N ASP A 487 24.50 -2.56 -6.78
CA ASP A 487 23.71 -1.56 -7.48
C ASP A 487 23.72 -1.74 -9.00
N ARG A 488 22.91 -2.67 -9.48
CA ARG A 488 22.78 -2.96 -10.92
C ARG A 488 21.31 -3.11 -11.29
N THR A 489 20.97 -2.68 -12.50
CA THR A 489 19.61 -2.78 -12.98
C THR A 489 19.07 -4.21 -12.92
N ASN A 490 19.93 -5.20 -13.18
CA ASN A 490 19.46 -6.59 -13.16
C ASN A 490 19.51 -7.27 -11.79
N ASP A 491 19.85 -6.52 -10.74
CA ASP A 491 19.86 -7.10 -9.39
C ASP A 491 18.41 -6.96 -8.93
N TYR A 492 17.60 -7.96 -9.25
CA TYR A 492 16.18 -7.90 -8.91
C TYR A 492 15.81 -8.16 -7.46
N ILE A 493 16.78 -8.51 -6.62
CA ILE A 493 16.47 -8.74 -5.21
C ILE A 493 16.75 -7.48 -4.40
N TYR A 494 18.01 -7.05 -4.44
CA TYR A 494 18.41 -5.89 -3.68
C TYR A 494 18.10 -4.54 -4.31
N ASN A 495 17.81 -4.53 -5.61
CA ASN A 495 17.48 -3.27 -6.29
C ASN A 495 16.04 -3.21 -6.78
N GLU A 496 15.22 -4.14 -6.30
CA GLU A 496 13.80 -4.18 -6.64
C GLU A 496 13.13 -2.93 -6.05
N VAL A 497 12.12 -2.42 -6.75
CA VAL A 497 11.35 -1.26 -6.31
C VAL A 497 9.87 -1.62 -6.50
N ALA A 498 8.99 -1.09 -5.67
CA ALA A 498 7.57 -1.40 -5.80
C ALA A 498 6.66 -0.47 -5.02
N ILE A 499 5.39 -0.42 -5.41
CA ILE A 499 4.45 0.43 -4.71
C ILE A 499 4.32 0.02 -3.25
N ASP A 500 4.43 -1.28 -2.95
CA ASP A 500 4.33 -1.71 -1.56
C ASP A 500 5.60 -1.35 -0.79
N TYR A 501 6.74 -1.30 -1.49
CA TYR A 501 8.02 -0.94 -0.88
C TYR A 501 8.04 0.49 -0.37
N ASN A 502 7.47 1.40 -1.16
CA ASN A 502 7.44 2.81 -0.82
C ASN A 502 6.28 3.23 0.07
N ALA A 503 5.27 2.37 0.18
CA ALA A 503 4.08 2.67 0.97
C ALA A 503 4.27 3.17 2.41
N ALA A 504 4.85 2.33 3.27
CA ALA A 504 5.06 2.74 4.66
C ALA A 504 6.17 3.77 4.76
N PHE A 505 7.09 3.71 3.80
CA PHE A 505 8.23 4.63 3.75
C PHE A 505 7.77 6.09 3.70
N VAL A 506 6.69 6.36 2.96
CA VAL A 506 6.17 7.72 2.88
C VAL A 506 5.77 8.20 4.27
N GLY A 507 4.95 7.40 4.94
CA GLY A 507 4.49 7.75 6.28
C GLY A 507 5.59 7.89 7.31
N ALA A 508 6.61 7.04 7.21
CA ALA A 508 7.73 7.07 8.15
C ALA A 508 8.46 8.42 8.04
N CYS A 509 8.66 8.89 6.82
CA CYS A 509 9.33 10.17 6.59
C CYS A 509 8.53 11.28 7.27
N ALA A 510 7.22 11.27 7.06
CA ALA A 510 6.35 12.28 7.66
C ALA A 510 6.41 12.20 9.18
N GLY A 511 6.36 10.97 9.69
CA GLY A 511 6.41 10.76 11.12
C GLY A 511 7.71 11.23 11.74
N LEU A 512 8.82 11.01 11.04
CA LEU A 512 10.13 11.44 11.54
C LEU A 512 10.22 12.95 11.51
N TYR A 513 9.62 13.56 10.50
CA TYR A 513 9.65 15.01 10.41
C TYR A 513 8.83 15.59 11.56
N ARG A 514 7.77 14.88 11.91
CA ARG A 514 6.91 15.31 12.99
C ARG A 514 7.65 15.48 14.32
N PHE A 515 8.49 14.51 14.66
CA PHE A 515 9.22 14.56 15.92
C PHE A 515 10.64 15.10 15.84
N PHE A 516 11.26 15.03 14.66
CA PHE A 516 12.65 15.46 14.52
C PHE A 516 12.96 16.56 13.49
N GLY A 517 11.94 17.10 12.83
CA GLY A 517 12.21 18.14 11.84
C GLY A 517 12.69 19.46 12.42
N ASP A 518 13.70 20.10 11.78
CA ASP A 518 14.21 21.42 12.20
C ASP A 518 13.89 22.37 11.08
N SER A 519 14.45 23.57 11.25
CA SER A 519 14.31 24.61 10.25
C SER A 519 15.37 24.28 9.21
N SER A 520 16.32 23.42 9.56
CA SER A 520 17.37 23.05 8.61
C SER A 520 16.82 22.07 7.57
N MET A 521 15.71 21.42 7.89
CA MET A 521 15.12 20.45 6.98
C MET A 521 14.14 21.06 6.01
N GLN A 522 14.64 21.46 4.84
CA GLN A 522 13.85 22.09 3.80
C GLN A 522 13.63 21.14 2.62
N ILE A 523 12.48 21.27 1.96
CA ILE A 523 12.22 20.43 0.80
C ILE A 523 13.08 20.99 -0.33
N ASP A 524 13.24 20.21 -1.39
CA ASP A 524 14.04 20.59 -2.55
C ASP A 524 13.17 21.44 -3.48
N PRO A 525 13.46 22.76 -3.57
CA PRO A 525 12.67 23.66 -4.41
C PRO A 525 12.78 23.43 -5.92
N SER A 526 13.74 22.64 -6.36
CA SER A 526 13.90 22.41 -7.79
C SER A 526 13.08 21.22 -8.32
N MET A 527 12.39 20.51 -7.44
CA MET A 527 11.58 19.36 -7.88
C MET A 527 10.25 19.80 -8.48
N PRO A 528 9.72 19.04 -9.44
CA PRO A 528 8.43 19.34 -10.10
C PRO A 528 7.36 19.52 -9.03
N SER A 529 6.31 20.28 -9.33
CA SER A 529 5.27 20.54 -8.33
C SER A 529 3.89 20.71 -8.97
N HIS A 530 2.83 20.50 -8.20
CA HIS A 530 1.48 20.66 -8.73
C HIS A 530 1.04 22.12 -8.65
N ASN A 531 0.29 22.60 -9.54
CA CA B . -11.42 0.20 26.73
CA CA C . -3.84 -11.03 4.20
CA CA D . -18.57 -0.15 -22.18
ZN ZN E . 0.64 1.42 -17.68
#